data_4FG0
#
_entry.id   4FG0
#
_cell.length_a   177.485
_cell.length_b   177.485
_cell.length_c   177.485
_cell.angle_alpha   90.000
_cell.angle_beta   90.000
_cell.angle_gamma   90.000
#
_symmetry.space_group_name_H-M   'I 2 3'
#
_entity_poly.entity_id   1
_entity_poly.type   'polypeptide(L)'
_entity_poly.pdbx_seq_one_letter_code
;FNCLGTSNRDFVEGASGATWIDLVLEGGSCVTV(MSE)APEKPTLDFKV(MSE)K(MSE)EAAELATVREYCYEATLDTL
STVARCPTTGEAHNTKRSDPTFVCKRDVVDRGWGNGCGLFGKGSIDTCAKFTCKNKATGKTILRENIKYEVAIFVHGSTD
STSHGNYFEQIGKNQAARFTISPQAPSFTAN(MSE)GEYGTVTIDCEARSGINTEDYYVFTVKEKSWLVNRDWFHDLNLP
WTSPATTDWRNRETLVEFEEPHATKQTVVALGSQEGALHTALAGAIPATVSSSTLTLQSGHLKCRAKLDKVKIKGTTYG
(MSE)CDSAFTFSKNPTDTGHGTVIVELQYTGSNGPCRVPISVTANL(MSE)DLTPVGRLVTVNPFISTGGANNKV
(MSE)IEVEPPFGDSYIVVGRGTTQINYHWHKEGSSIGKA
;
_entity_poly.pdbx_strand_id   A
#
# COMPACT_ATOMS: atom_id res chain seq x y z
N ASN A 2 -20.77 5.10 21.64
CA ASN A 2 -19.83 5.33 20.55
C ASN A 2 -18.47 4.66 20.78
N CYS A 3 -17.79 5.08 21.85
CA CYS A 3 -16.49 4.50 22.19
C CYS A 3 -16.63 3.41 23.24
N LEU A 4 -15.82 2.36 23.12
CA LEU A 4 -15.84 1.27 24.09
C LEU A 4 -14.96 1.61 25.30
N GLY A 5 -15.47 1.32 26.49
CA GLY A 5 -14.78 1.64 27.73
C GLY A 5 -13.46 0.91 27.88
N THR A 6 -12.63 1.39 28.78
CA THR A 6 -11.35 0.76 29.06
C THR A 6 -11.55 -0.44 29.99
N SER A 7 -10.70 -1.45 29.83
CA SER A 7 -10.81 -2.66 30.63
C SER A 7 -9.81 -2.66 31.80
N ASN A 8 -10.05 -3.54 32.77
CA ASN A 8 -9.21 -3.60 33.97
C ASN A 8 -7.75 -3.88 33.69
N ARG A 9 -7.48 -4.75 32.73
CA ARG A 9 -6.12 -5.16 32.42
C ARG A 9 -5.27 -4.02 31.85
N ASP A 10 -5.93 -3.02 31.28
CA ASP A 10 -5.24 -2.01 30.49
C ASP A 10 -4.66 -0.84 31.30
N PHE A 11 -4.71 -0.91 32.62
CA PHE A 11 -4.17 0.18 33.44
C PHE A 11 -3.65 -0.26 34.80
N VAL A 12 -2.58 0.38 35.25
CA VAL A 12 -1.96 0.06 36.52
C VAL A 12 -1.77 1.31 37.39
N GLU A 13 -2.47 1.36 38.51
CA GLU A 13 -2.32 2.46 39.44
C GLU A 13 -1.38 2.09 40.58
N GLY A 14 -0.19 2.69 40.58
CA GLY A 14 0.77 2.44 41.64
C GLY A 14 0.30 3.01 42.95
N ALA A 15 0.76 2.42 44.05
CA ALA A 15 0.40 2.90 45.38
C ALA A 15 0.94 4.31 45.59
N SER A 16 2.06 4.60 44.94
CA SER A 16 2.65 5.92 44.96
C SER A 16 3.36 6.18 43.64
N GLY A 17 3.03 7.30 43.00
CA GLY A 17 3.66 7.66 41.75
C GLY A 17 2.68 7.98 40.64
N ALA A 18 2.51 7.05 39.72
CA ALA A 18 1.72 7.30 38.52
C ALA A 18 0.70 6.22 38.22
N THR A 19 -0.19 6.53 37.29
CA THR A 19 -1.17 5.58 36.79
C THR A 19 -1.01 5.46 35.29
N TRP A 20 -0.44 4.33 34.84
CA TRP A 20 -0.21 4.11 33.43
C TRP A 20 -1.36 3.31 32.82
N ILE A 21 -1.81 3.73 31.64
CA ILE A 21 -2.91 3.04 30.96
C ILE A 21 -2.59 2.83 29.48
N ASP A 22 -2.69 1.58 29.03
CA ASP A 22 -2.41 1.24 27.64
C ASP A 22 -3.64 1.51 26.75
N LEU A 23 -3.42 2.25 25.67
CA LEU A 23 -4.48 2.57 24.72
C LEU A 23 -4.21 1.93 23.37
N VAL A 24 -5.11 1.06 22.92
CA VAL A 24 -5.00 0.46 21.60
C VAL A 24 -5.91 1.21 20.63
N LEU A 25 -5.32 2.19 19.94
CA LEU A 25 -6.08 3.05 19.04
C LEU A 25 -6.10 2.49 17.62
N GLU A 26 -7.22 1.92 17.21
CA GLU A 26 -7.40 1.43 15.86
C GLU A 26 -8.29 2.40 15.07
N GLY A 27 -8.22 2.31 13.75
CA GLY A 27 -9.01 3.18 12.89
C GLY A 27 -10.50 2.99 13.06
N GLY A 28 -10.89 1.78 13.44
CA GLY A 28 -12.29 1.45 13.59
C GLY A 28 -12.94 2.09 14.82
N SER A 29 -12.73 1.48 15.97
CA SER A 29 -13.33 1.97 17.20
C SER A 29 -12.37 2.86 18.00
N CYS A 30 -12.85 3.36 19.12
CA CYS A 30 -12.05 4.21 19.99
C CYS A 30 -12.08 3.67 21.42
N VAL A 31 -11.17 4.17 22.25
CA VAL A 31 -11.12 3.76 23.65
C VAL A 31 -11.40 4.95 24.56
N THR A 32 -12.46 4.84 25.35
CA THR A 32 -12.80 5.89 26.30
C THR A 32 -12.38 5.52 27.72
N VAL A 33 -11.78 6.48 28.42
CA VAL A 33 -11.33 6.26 29.79
C VAL A 33 -11.93 7.27 30.76
N ALA A 35 -12.94 8.30 34.99
CA ALA A 35 -12.47 8.14 36.36
C ALA A 35 -13.41 8.86 37.32
N PRO A 36 -13.53 8.34 38.55
CA PRO A 36 -14.39 8.94 39.59
C PRO A 36 -14.05 10.41 39.82
N GLU A 37 -15.08 11.27 39.75
CA GLU A 37 -14.91 12.70 39.91
C GLU A 37 -13.92 13.28 38.89
N LYS A 38 -13.85 12.65 37.73
CA LYS A 38 -13.00 13.10 36.63
C LYS A 38 -13.79 12.99 35.33
N PRO A 39 -13.61 13.96 34.42
CA PRO A 39 -14.33 13.95 33.14
C PRO A 39 -13.91 12.78 32.26
N THR A 40 -14.85 12.24 31.49
CA THR A 40 -14.58 11.12 30.61
C THR A 40 -13.75 11.58 29.41
N LEU A 41 -12.83 10.73 28.96
CA LEU A 41 -11.95 11.06 27.83
C LEU A 41 -12.05 10.03 26.71
N ASP A 42 -12.57 10.45 25.57
CA ASP A 42 -12.66 9.58 24.41
C ASP A 42 -11.40 9.68 23.55
N PHE A 43 -10.61 8.61 23.51
CA PHE A 43 -9.41 8.58 22.69
C PHE A 43 -9.65 7.95 21.33
N LYS A 44 -9.67 8.79 20.31
CA LYS A 44 -9.94 8.34 18.95
C LYS A 44 -8.84 8.80 18.00
N VAL A 45 -8.22 7.85 17.32
CA VAL A 45 -7.25 8.17 16.29
C VAL A 45 -8.01 8.61 15.04
N LYS A 47 -6.12 10.38 11.65
CA LYS A 47 -5.38 10.37 10.40
C LYS A 47 -4.05 9.62 10.48
N GLU A 49 -1.38 8.90 8.05
CA GLU A 49 -1.01 9.34 6.71
C GLU A 49 0.50 9.48 6.48
N ALA A 50 0.86 9.70 5.22
CA ALA A 50 2.23 10.04 4.85
C ALA A 50 2.21 11.36 4.08
N ALA A 51 2.60 12.43 4.76
CA ALA A 51 2.41 13.80 4.27
C ALA A 51 2.90 14.05 2.85
N GLU A 52 4.20 13.89 2.64
CA GLU A 52 4.79 14.13 1.32
C GLU A 52 5.79 13.04 0.97
N LEU A 53 5.82 12.64 -0.30
CA LEU A 53 6.72 11.58 -0.72
C LEU A 53 7.70 12.05 -1.78
N ALA A 54 8.83 11.35 -1.87
CA ALA A 54 9.85 11.65 -2.86
C ALA A 54 9.87 10.61 -3.96
N THR A 55 9.96 11.07 -5.20
CA THR A 55 9.99 10.16 -6.35
C THR A 55 11.37 9.53 -6.52
N VAL A 56 11.39 8.25 -6.86
CA VAL A 56 12.64 7.53 -7.05
C VAL A 56 12.91 7.28 -8.52
N ARG A 57 11.93 6.69 -9.21
CA ARG A 57 12.05 6.42 -10.64
C ARG A 57 10.76 6.74 -11.38
N GLU A 58 10.85 6.77 -12.70
CA GLU A 58 9.69 6.98 -13.55
C GLU A 58 9.76 6.08 -14.79
N TYR A 59 9.00 4.99 -14.77
CA TYR A 59 8.96 4.06 -15.90
C TYR A 59 8.02 4.57 -16.99
N CYS A 60 8.30 4.20 -18.23
CA CYS A 60 7.47 4.58 -19.36
C CYS A 60 6.79 3.34 -19.96
N TYR A 61 5.49 3.40 -20.16
CA TYR A 61 4.74 2.28 -20.70
C TYR A 61 4.13 2.59 -22.07
N GLU A 62 3.86 3.86 -22.33
CA GLU A 62 3.34 4.29 -23.63
C GLU A 62 4.29 5.28 -24.29
N ALA A 63 5.22 4.76 -25.08
CA ALA A 63 6.20 5.59 -25.76
C ALA A 63 5.77 5.91 -27.20
N THR A 64 6.26 7.03 -27.71
CA THR A 64 5.93 7.46 -29.07
C THR A 64 7.18 7.85 -29.85
N LEU A 65 7.37 7.21 -31.00
CA LEU A 65 8.52 7.50 -31.86
C LEU A 65 8.22 8.67 -32.79
N ASP A 66 9.19 9.55 -32.97
CA ASP A 66 8.99 10.76 -33.76
C ASP A 66 9.73 10.68 -35.10
N THR A 67 10.77 11.49 -35.25
CA THR A 67 11.50 11.60 -36.51
C THR A 67 12.36 10.37 -36.79
N LEU A 68 12.23 9.83 -38.00
CA LEU A 68 13.05 8.70 -38.44
C LEU A 68 14.05 9.14 -39.51
N SER A 69 15.17 8.44 -39.58
CA SER A 69 16.17 8.70 -40.62
C SER A 69 17.03 7.45 -40.83
N THR A 70 17.22 7.09 -42.10
CA THR A 70 17.96 5.89 -42.43
C THR A 70 19.05 6.18 -43.46
N VAL A 71 20.30 5.91 -43.10
CA VAL A 71 21.42 6.08 -44.02
C VAL A 71 22.06 4.73 -44.35
N ALA A 72 22.20 4.46 -45.64
CA ALA A 72 22.75 3.18 -46.09
C ALA A 72 23.94 3.39 -47.02
N ARG A 73 24.80 2.38 -47.10
CA ARG A 73 25.94 2.41 -48.01
C ARG A 73 26.11 1.07 -48.70
N CYS A 74 26.65 1.10 -49.92
CA CYS A 74 26.87 -0.10 -50.72
C CYS A 74 27.76 -1.12 -50.00
N PRO A 75 27.59 -2.41 -50.31
CA PRO A 75 28.43 -3.45 -49.69
C PRO A 75 29.89 -3.32 -50.09
N THR A 76 30.77 -3.98 -49.34
CA THR A 76 32.22 -3.91 -49.55
C THR A 76 32.73 -2.47 -49.52
N THR A 77 32.12 -1.64 -48.68
CA THR A 77 32.56 -0.26 -48.49
C THR A 77 32.64 0.06 -47.01
N GLY A 78 32.93 -0.94 -46.20
CA GLY A 78 33.05 -0.75 -44.76
C GLY A 78 31.71 -0.83 -44.06
N GLU A 79 31.37 0.25 -43.35
CA GLU A 79 30.14 0.28 -42.55
C GLU A 79 29.29 1.50 -42.88
N ALA A 80 28.10 1.56 -42.31
CA ALA A 80 27.22 2.71 -42.44
C ALA A 80 27.12 3.44 -41.11
N HIS A 81 27.08 4.77 -41.16
CA HIS A 81 27.08 5.57 -39.93
C HIS A 81 26.04 6.69 -39.99
N ASN A 82 25.05 6.61 -39.11
CA ASN A 82 24.03 7.64 -39.00
C ASN A 82 24.50 8.80 -38.13
N THR A 83 24.21 10.02 -38.56
CA THR A 83 24.68 11.21 -37.86
C THR A 83 23.73 11.66 -36.75
N LYS A 84 22.93 10.72 -36.24
CA LYS A 84 22.03 11.00 -35.14
C LYS A 84 22.54 10.36 -33.84
N ARG A 85 23.59 9.57 -33.96
CA ARG A 85 24.19 8.91 -32.80
C ARG A 85 24.95 9.93 -31.94
N SER A 86 25.24 11.08 -32.51
CA SER A 86 25.88 12.17 -31.77
C SER A 86 24.92 12.72 -30.72
N ASP A 87 23.62 12.57 -30.96
CA ASP A 87 22.61 12.97 -29.99
C ASP A 87 22.07 11.73 -29.27
N PRO A 88 22.38 11.61 -27.96
CA PRO A 88 21.99 10.46 -27.13
C PRO A 88 20.48 10.34 -26.89
N THR A 89 19.70 11.26 -27.45
CA THR A 89 18.25 11.22 -27.29
C THR A 89 17.60 10.42 -28.42
N PHE A 90 18.42 9.86 -29.29
CA PHE A 90 17.95 9.06 -30.41
C PHE A 90 18.42 7.61 -30.31
N VAL A 91 17.49 6.68 -30.43
CA VAL A 91 17.81 5.26 -30.43
C VAL A 91 18.10 4.78 -31.86
N CYS A 92 19.23 4.11 -32.04
CA CYS A 92 19.66 3.70 -33.38
C CYS A 92 20.01 2.22 -33.47
N LYS A 93 20.13 1.73 -34.70
CA LYS A 93 20.48 0.33 -34.95
C LYS A 93 21.14 0.15 -36.30
N ARG A 94 22.32 -0.47 -36.30
CA ARG A 94 23.04 -0.77 -37.53
C ARG A 94 22.79 -2.20 -37.98
N ASP A 95 22.20 -2.36 -39.16
CA ASP A 95 21.87 -3.68 -39.68
C ASP A 95 22.39 -3.83 -41.11
N VAL A 96 22.08 -4.97 -41.73
CA VAL A 96 22.49 -5.23 -43.12
C VAL A 96 21.30 -5.65 -43.97
N VAL A 97 21.33 -5.30 -45.25
CA VAL A 97 20.25 -5.64 -46.18
C VAL A 97 20.78 -6.20 -47.50
N ASP A 98 19.91 -6.89 -48.22
CA ASP A 98 20.26 -7.38 -49.54
C ASP A 98 20.37 -6.21 -50.51
N ARG A 99 21.40 -6.21 -51.33
CA ARG A 99 21.64 -5.10 -52.25
C ARG A 99 21.97 -5.61 -53.64
N GLY A 100 21.63 -4.83 -54.66
CA GLY A 100 21.90 -5.22 -56.03
C GLY A 100 21.96 -4.06 -57.00
N TRP A 101 21.75 -4.35 -58.28
CA TRP A 101 21.77 -3.34 -59.33
C TRP A 101 20.46 -2.57 -59.39
N GLY A 102 19.39 -3.20 -58.91
CA GLY A 102 18.07 -2.58 -58.91
C GLY A 102 17.99 -1.41 -57.96
N ASN A 103 18.76 -1.47 -56.87
CA ASN A 103 18.79 -0.41 -55.88
C ASN A 103 19.85 0.63 -56.18
N GLY A 104 20.85 0.23 -56.97
CA GLY A 104 21.91 1.13 -57.37
C GLY A 104 23.21 0.90 -56.61
N CYS A 105 23.85 -0.24 -56.86
CA CYS A 105 25.13 -0.55 -56.26
C CYS A 105 26.00 -1.40 -57.17
N GLY A 106 27.24 -1.65 -56.75
CA GLY A 106 28.18 -2.40 -57.55
C GLY A 106 27.96 -3.89 -57.50
N LEU A 107 28.17 -4.49 -56.33
CA LEU A 107 28.08 -5.93 -56.18
C LEU A 107 26.84 -6.38 -55.42
N PHE A 108 26.31 -7.55 -55.79
CA PHE A 108 25.18 -8.14 -55.10
C PHE A 108 25.62 -8.71 -53.75
N GLY A 109 25.65 -7.87 -52.72
CA GLY A 109 26.07 -8.31 -51.42
C GLY A 109 25.24 -7.73 -50.28
N LYS A 110 25.79 -7.75 -49.08
CA LYS A 110 25.12 -7.19 -47.91
C LYS A 110 25.51 -5.73 -47.71
N GLY A 111 24.56 -4.83 -47.97
CA GLY A 111 24.79 -3.41 -47.78
C GLY A 111 24.45 -2.97 -46.36
N SER A 112 25.42 -2.38 -45.68
CA SER A 112 25.23 -1.94 -44.30
C SER A 112 24.34 -0.70 -44.24
N ILE A 113 23.41 -0.70 -43.28
CA ILE A 113 22.51 0.44 -43.10
C ILE A 113 22.53 0.90 -41.65
N ASP A 114 21.89 2.03 -41.38
CA ASP A 114 21.79 2.57 -40.02
C ASP A 114 20.50 3.38 -39.89
N THR A 115 19.71 3.05 -38.88
CA THR A 115 18.41 3.69 -38.70
C THR A 115 18.22 4.23 -37.29
N CYS A 116 18.01 5.53 -37.18
CA CYS A 116 17.79 6.17 -35.88
C CYS A 116 16.36 6.70 -35.75
N ALA A 117 15.92 6.88 -34.52
CA ALA A 117 14.57 7.39 -34.24
C ALA A 117 14.51 8.16 -32.94
N LYS A 118 13.66 9.19 -32.90
CA LYS A 118 13.51 10.01 -31.70
C LYS A 118 12.63 9.31 -30.68
N PHE A 119 13.15 9.13 -29.47
CA PHE A 119 12.41 8.46 -28.41
C PHE A 119 11.81 9.44 -27.41
N THR A 120 10.49 9.44 -27.32
CA THR A 120 9.79 10.25 -26.33
C THR A 120 8.78 9.39 -25.56
N CYS A 121 8.36 9.87 -24.40
CA CYS A 121 7.42 9.12 -23.58
C CYS A 121 6.12 9.90 -23.36
N LYS A 122 5.03 9.39 -23.92
CA LYS A 122 3.73 10.03 -23.79
C LYS A 122 3.22 9.95 -22.35
N ASN A 123 2.85 8.75 -21.92
CA ASN A 123 2.40 8.54 -20.54
C ASN A 123 3.40 7.72 -19.73
N LYS A 124 3.62 8.13 -18.47
CA LYS A 124 4.60 7.48 -17.62
C LYS A 124 4.04 7.23 -16.22
N ALA A 125 4.62 6.25 -15.53
CA ALA A 125 4.22 5.92 -14.16
C ALA A 125 5.28 6.36 -13.17
N THR A 126 4.85 6.80 -12.00
CA THR A 126 5.77 7.33 -11.00
C THR A 126 5.88 6.43 -9.78
N GLY A 127 7.12 6.16 -9.36
CA GLY A 127 7.36 5.38 -8.16
C GLY A 127 7.90 6.27 -7.05
N LYS A 128 7.20 6.29 -5.92
CA LYS A 128 7.59 7.15 -4.81
C LYS A 128 7.93 6.35 -3.56
N THR A 129 8.78 6.91 -2.71
CA THR A 129 9.24 6.25 -1.48
C THR A 129 8.67 6.91 -0.23
N ILE A 130 8.58 6.12 0.85
CA ILE A 130 8.06 6.63 2.12
C ILE A 130 9.15 6.70 3.18
N LEU A 131 9.48 7.92 3.60
CA LEU A 131 10.49 8.11 4.63
C LEU A 131 9.86 8.45 5.98
N ARG A 132 10.68 8.44 7.03
CA ARG A 132 10.19 8.63 8.39
C ARG A 132 9.70 10.04 8.67
N GLU A 133 10.30 11.03 8.03
CA GLU A 133 9.90 12.42 8.22
C GLU A 133 8.62 12.75 7.47
N ASN A 134 8.02 11.74 6.86
CA ASN A 134 6.81 11.91 6.07
C ASN A 134 5.56 11.39 6.76
N ILE A 135 5.74 10.58 7.79
CA ILE A 135 4.63 9.94 8.48
C ILE A 135 4.10 10.80 9.63
N LYS A 136 2.78 10.96 9.68
CA LYS A 136 2.13 11.73 10.73
C LYS A 136 0.92 10.97 11.27
N TYR A 137 0.64 11.14 12.56
CA TYR A 137 -0.54 10.54 13.17
C TYR A 137 -1.32 11.57 13.97
N GLU A 138 -2.59 11.76 13.63
CA GLU A 138 -3.43 12.72 14.34
C GLU A 138 -4.40 12.02 15.27
N VAL A 139 -4.37 12.40 16.55
CA VAL A 139 -5.23 11.80 17.56
C VAL A 139 -6.16 12.85 18.17
N ALA A 140 -7.44 12.52 18.27
CA ALA A 140 -8.42 13.42 18.85
C ALA A 140 -8.83 12.94 20.23
N ILE A 141 -9.07 13.89 21.13
CA ILE A 141 -9.51 13.57 22.49
C ILE A 141 -10.80 14.33 22.81
N PHE A 142 -11.86 13.58 23.09
CA PHE A 142 -13.15 14.20 23.41
C PHE A 142 -13.37 14.19 24.93
N VAL A 143 -13.99 15.25 25.43
CA VAL A 143 -14.24 15.38 26.86
C VAL A 143 -15.74 15.57 27.12
N HIS A 144 -16.24 14.95 28.18
CA HIS A 144 -17.65 15.08 28.56
C HIS A 144 -17.81 15.54 30.00
N GLY A 145 -19.02 15.97 30.35
CA GLY A 145 -19.32 16.44 31.69
C GLY A 145 -20.39 17.52 31.70
N GLN A 163 -16.10 20.02 24.46
CA GLN A 163 -15.58 20.09 23.11
C GLN A 163 -14.56 18.98 22.87
N ALA A 164 -13.37 19.33 22.39
CA ALA A 164 -12.33 18.35 22.10
C ALA A 164 -10.93 18.97 22.04
N ALA A 165 -9.92 18.13 22.18
CA ALA A 165 -8.53 18.56 22.08
C ALA A 165 -7.72 17.58 21.22
N ARG A 166 -7.12 18.07 20.15
CA ARG A 166 -6.41 17.21 19.22
C ARG A 166 -4.90 17.49 19.15
N PHE A 167 -4.12 16.45 18.85
CA PHE A 167 -2.68 16.58 18.74
C PHE A 167 -2.11 15.63 17.69
N THR A 168 -0.84 15.81 17.34
CA THR A 168 -0.20 14.97 16.34
C THR A 168 1.09 14.33 16.85
N ILE A 169 1.39 13.14 16.32
CA ILE A 169 2.60 12.43 16.68
C ILE A 169 3.25 11.78 15.46
N SER A 170 4.58 11.88 15.38
CA SER A 170 5.33 11.31 14.29
C SER A 170 6.25 10.22 14.85
N PRO A 171 6.88 9.41 13.98
CA PRO A 171 7.86 8.46 14.51
C PRO A 171 9.07 9.17 15.12
N GLN A 172 9.31 10.40 14.70
CA GLN A 172 10.39 11.20 15.26
C GLN A 172 9.95 11.88 16.57
N ALA A 173 8.66 12.14 16.68
CA ALA A 173 8.09 12.74 17.88
C ALA A 173 6.86 11.98 18.32
N PRO A 174 7.06 10.80 18.94
CA PRO A 174 5.97 9.91 19.31
C PRO A 174 5.28 10.33 20.61
N SER A 175 5.91 11.22 21.35
CA SER A 175 5.39 11.63 22.65
C SER A 175 4.68 12.98 22.59
N PHE A 176 3.73 13.19 23.50
CA PHE A 176 3.00 14.44 23.57
C PHE A 176 2.53 14.71 25.00
N THR A 177 2.96 15.83 25.56
CA THR A 177 2.59 16.19 26.92
C THR A 177 1.69 17.43 26.91
N ALA A 178 0.59 17.36 27.67
CA ALA A 178 -0.34 18.48 27.76
C ALA A 178 -1.21 18.40 29.02
N ASN A 179 -1.51 19.56 29.59
CA ASN A 179 -2.35 19.63 30.78
C ASN A 179 -3.82 19.38 30.47
N GLY A 181 -6.68 19.43 32.68
CA GLY A 181 -7.56 19.77 33.78
C GLY A 181 -7.30 19.01 35.07
N GLU A 182 -8.28 18.23 35.50
CA GLU A 182 -8.24 17.54 36.78
C GLU A 182 -7.30 16.34 36.77
N TYR A 183 -6.85 15.94 35.59
CA TYR A 183 -5.91 14.83 35.48
C TYR A 183 -4.47 15.32 35.61
N GLY A 184 -4.30 16.64 35.57
CA GLY A 184 -2.98 17.24 35.64
C GLY A 184 -2.23 17.04 34.33
N THR A 185 -0.92 17.19 34.38
CA THR A 185 -0.08 17.00 33.20
C THR A 185 -0.17 15.56 32.73
N VAL A 186 -0.36 15.37 31.43
CA VAL A 186 -0.50 14.03 30.86
C VAL A 186 0.45 13.82 29.69
N THR A 187 1.28 12.79 29.80
CA THR A 187 2.20 12.43 28.73
C THR A 187 1.68 11.21 27.99
N ILE A 188 1.49 11.36 26.68
CA ILE A 188 1.00 10.26 25.86
C ILE A 188 2.07 9.79 24.89
N ASP A 189 2.62 8.60 25.14
CA ASP A 189 3.70 8.06 24.34
C ASP A 189 3.19 6.95 23.43
N CYS A 190 3.12 7.23 22.13
CA CYS A 190 2.56 6.27 21.17
C CYS A 190 3.50 5.95 20.01
N GLU A 191 3.67 4.66 19.74
CA GLU A 191 4.43 4.21 18.59
C GLU A 191 3.53 3.37 17.67
N ALA A 192 3.92 3.26 16.40
CA ALA A 192 3.11 2.51 15.44
C ALA A 192 3.50 1.04 15.38
N ARG A 193 2.49 0.18 15.24
CA ARG A 193 2.72 -1.27 15.19
C ARG A 193 1.83 -1.97 14.17
N SER A 194 2.18 -3.21 13.86
CA SER A 194 1.38 -4.07 12.98
C SER A 194 1.11 -3.47 11.61
N GLY A 195 0.11 -4.03 10.93
CA GLY A 195 -0.29 -3.57 9.63
C GLY A 195 0.76 -3.80 8.56
N ILE A 196 1.09 -2.75 7.82
CA ILE A 196 2.03 -2.83 6.72
C ILE A 196 3.45 -2.56 7.20
N ASN A 197 4.44 -2.91 6.38
CA ASN A 197 5.82 -2.52 6.64
C ASN A 197 6.28 -1.53 5.58
N THR A 198 6.27 -0.25 5.93
CA THR A 198 6.50 0.82 4.97
C THR A 198 7.88 0.80 4.32
N GLU A 199 8.78 -0.03 4.85
CA GLU A 199 10.14 -0.10 4.33
C GLU A 199 10.23 -0.81 2.98
N ASP A 200 9.63 -1.99 2.90
CA ASP A 200 9.75 -2.83 1.71
C ASP A 200 8.73 -2.51 0.63
N TYR A 201 8.19 -1.30 0.65
CA TYR A 201 7.14 -0.93 -0.31
C TYR A 201 7.39 0.41 -1.01
N TYR A 202 6.95 0.50 -2.26
CA TYR A 202 7.00 1.75 -3.02
C TYR A 202 5.59 2.12 -3.46
N VAL A 203 5.33 3.42 -3.54
CA VAL A 203 4.02 3.89 -3.99
C VAL A 203 4.00 4.06 -5.51
N PHE A 204 3.41 3.10 -6.20
CA PHE A 204 3.29 3.13 -7.65
C PHE A 204 2.14 4.05 -8.05
N THR A 205 2.40 4.95 -8.99
CA THR A 205 1.39 5.95 -9.35
C THR A 205 1.15 6.06 -10.85
N VAL A 206 -0.04 5.62 -11.27
CA VAL A 206 -0.52 5.87 -12.61
C VAL A 206 -1.38 7.13 -12.54
N LYS A 207 -1.56 7.82 -13.67
CA LYS A 207 -2.34 9.06 -13.71
C LYS A 207 -3.73 8.91 -13.10
N GLU A 208 -4.23 7.68 -13.02
CA GLU A 208 -5.51 7.39 -12.41
C GLU A 208 -5.35 6.98 -10.95
N LYS A 209 -4.95 5.73 -10.74
CA LYS A 209 -4.90 5.15 -9.39
C LYS A 209 -3.49 5.10 -8.80
N SER A 210 -3.38 4.52 -7.61
CA SER A 210 -2.09 4.38 -6.94
C SER A 210 -2.07 3.13 -6.06
N TRP A 211 -1.05 2.29 -6.25
CA TRP A 211 -0.92 1.06 -5.48
C TRP A 211 0.36 1.05 -4.68
N LEU A 212 0.58 -0.03 -3.93
CA LEU A 212 1.82 -0.25 -3.21
C LEU A 212 2.51 -1.51 -3.72
N VAL A 213 3.72 -1.36 -4.24
CA VAL A 213 4.47 -2.50 -4.79
C VAL A 213 5.74 -2.76 -3.98
N ASN A 214 6.32 -3.94 -4.19
CA ASN A 214 7.58 -4.28 -3.52
C ASN A 214 8.76 -3.57 -4.18
N ARG A 215 9.75 -3.21 -3.37
CA ARG A 215 10.90 -2.46 -3.87
C ARG A 215 11.70 -3.25 -4.89
N ASP A 216 11.83 -4.56 -4.67
CA ASP A 216 12.57 -5.41 -5.60
C ASP A 216 11.76 -5.67 -6.86
N TRP A 217 10.44 -5.67 -6.73
CA TRP A 217 9.57 -5.82 -7.87
C TRP A 217 9.61 -4.56 -8.73
N PHE A 218 9.90 -3.44 -8.08
CA PHE A 218 9.98 -2.16 -8.78
C PHE A 218 11.27 -2.05 -9.58
N HIS A 219 12.39 -2.41 -8.96
CA HIS A 219 13.69 -2.38 -9.63
C HIS A 219 13.74 -3.36 -10.79
N ASP A 220 13.35 -4.60 -10.53
CA ASP A 220 13.33 -5.63 -11.58
C ASP A 220 12.15 -5.43 -12.52
N LEU A 221 12.28 -4.47 -13.42
CA LEU A 221 11.23 -4.17 -14.39
C LEU A 221 11.85 -3.65 -15.68
N ASN A 222 11.68 -4.41 -16.76
CA ASN A 222 12.34 -4.10 -18.03
C ASN A 222 11.61 -3.07 -18.89
N LEU A 223 11.35 -1.90 -18.31
CA LEU A 223 10.75 -0.81 -19.06
C LEU A 223 11.66 0.41 -19.05
N PRO A 224 11.56 1.27 -20.09
CA PRO A 224 12.38 2.48 -20.13
C PRO A 224 12.09 3.40 -18.94
N TRP A 225 13.11 3.68 -18.16
CA TRP A 225 12.96 4.45 -16.93
C TRP A 225 13.86 5.67 -16.88
N THR A 226 13.47 6.65 -16.09
CA THR A 226 14.27 7.86 -15.90
C THR A 226 14.33 8.23 -14.43
N SER A 227 15.34 9.01 -14.07
CA SER A 227 15.54 9.43 -12.68
C SER A 227 15.44 10.95 -12.58
N PRO A 228 15.03 11.45 -11.40
CA PRO A 228 15.06 12.90 -11.14
C PRO A 228 16.46 13.49 -11.28
N ALA A 229 17.48 12.64 -11.18
CA ALA A 229 18.86 13.04 -11.39
C ALA A 229 19.27 12.89 -12.85
N THR A 230 18.83 11.79 -13.47
CA THR A 230 19.12 11.55 -14.88
C THR A 230 17.86 11.71 -15.72
N THR A 231 17.67 12.90 -16.28
CA THR A 231 16.46 13.23 -17.02
C THR A 231 16.34 12.51 -18.36
N ASP A 232 17.47 12.09 -18.92
CA ASP A 232 17.48 11.37 -20.18
C ASP A 232 17.06 9.91 -19.98
N TRP A 233 16.14 9.44 -20.82
CA TRP A 233 15.62 8.08 -20.71
C TRP A 233 16.68 7.02 -20.97
N ARG A 234 16.61 5.94 -20.20
CA ARG A 234 17.56 4.84 -20.36
C ARG A 234 16.81 3.53 -20.56
N ASN A 235 17.50 2.55 -21.17
CA ASN A 235 16.90 1.27 -21.50
C ASN A 235 15.63 1.43 -22.33
N ARG A 236 15.76 2.12 -23.46
CA ARG A 236 14.63 2.40 -24.34
C ARG A 236 14.44 1.28 -25.35
N GLU A 237 15.49 0.47 -25.52
CA GLU A 237 15.46 -0.63 -26.48
C GLU A 237 14.63 -1.80 -25.98
N THR A 238 13.38 -1.54 -25.65
CA THR A 238 12.46 -2.57 -25.17
C THR A 238 11.02 -2.19 -25.50
N LEU A 239 10.85 -0.96 -25.98
CA LEU A 239 9.55 -0.48 -26.45
C LEU A 239 9.63 -0.13 -27.93
N VAL A 240 10.80 -0.34 -28.52
CA VAL A 240 11.01 -0.10 -29.94
C VAL A 240 11.18 -1.42 -30.69
N GLU A 241 10.69 -1.45 -31.93
CA GLU A 241 10.76 -2.67 -32.74
C GLU A 241 11.27 -2.38 -34.15
N PHE A 242 12.44 -2.92 -34.46
CA PHE A 242 13.02 -2.75 -35.79
C PHE A 242 12.57 -3.88 -36.72
N GLU A 243 11.61 -3.56 -37.60
CA GLU A 243 11.05 -4.55 -38.50
C GLU A 243 11.98 -4.86 -39.67
N GLU A 244 11.46 -5.55 -40.68
CA GLU A 244 12.24 -5.92 -41.84
C GLU A 244 12.76 -4.68 -42.58
N PRO A 245 14.09 -4.58 -42.73
CA PRO A 245 14.76 -3.41 -43.30
C PRO A 245 14.75 -3.41 -44.82
N HIS A 246 14.71 -2.21 -45.40
CA HIS A 246 14.80 -2.04 -46.84
C HIS A 246 15.99 -1.16 -47.19
N ALA A 247 16.34 -1.10 -48.47
CA ALA A 247 17.50 -0.35 -48.93
C ALA A 247 17.37 1.15 -48.66
N THR A 248 16.13 1.64 -48.62
CA THR A 248 15.89 3.06 -48.40
C THR A 248 15.49 3.34 -46.96
N LYS A 249 14.32 2.85 -46.56
CA LYS A 249 13.80 3.14 -45.23
C LYS A 249 13.54 1.86 -44.43
N GLN A 250 14.18 1.77 -43.26
CA GLN A 250 13.89 0.71 -42.32
C GLN A 250 12.87 1.20 -41.30
N THR A 251 11.61 0.82 -41.50
CA THR A 251 10.53 1.29 -40.65
C THR A 251 10.59 0.71 -39.24
N VAL A 252 10.85 1.57 -38.26
CA VAL A 252 10.83 1.16 -36.86
C VAL A 252 9.64 1.82 -36.16
N VAL A 253 8.88 1.02 -35.41
CA VAL A 253 7.65 1.49 -34.77
C VAL A 253 7.74 1.43 -33.25
N ALA A 254 6.87 2.19 -32.59
CA ALA A 254 6.76 2.17 -31.14
C ALA A 254 5.79 1.08 -30.70
N LEU A 255 6.20 0.28 -29.73
CA LEU A 255 5.36 -0.82 -29.26
C LEU A 255 4.09 -0.28 -28.58
N GLY A 256 3.07 -1.12 -28.52
CA GLY A 256 1.79 -0.72 -27.94
C GLY A 256 1.88 -0.35 -26.48
N SER A 257 0.83 0.29 -25.98
CA SER A 257 0.79 0.74 -24.59
C SER A 257 0.88 -0.44 -23.62
N GLN A 258 1.79 -0.34 -22.67
CA GLN A 258 1.99 -1.38 -21.68
C GLN A 258 1.14 -1.15 -20.42
N GLU A 259 0.13 -0.30 -20.56
CA GLU A 259 -0.76 0.00 -19.45
C GLU A 259 -1.57 -1.25 -19.05
N GLY A 260 -1.97 -2.03 -20.05
CA GLY A 260 -2.73 -3.23 -19.81
C GLY A 260 -1.91 -4.29 -19.08
N ALA A 261 -0.63 -4.37 -19.42
CA ALA A 261 0.27 -5.34 -18.81
C ALA A 261 0.54 -5.01 -17.34
N LEU A 262 0.66 -3.72 -17.05
CA LEU A 262 0.88 -3.26 -15.68
C LEU A 262 -0.35 -3.53 -14.82
N HIS A 263 -1.52 -3.18 -15.34
CA HIS A 263 -2.77 -3.41 -14.62
C HIS A 263 -3.01 -4.90 -14.39
N THR A 264 -2.47 -5.73 -15.28
CA THR A 264 -2.55 -7.18 -15.14
C THR A 264 -1.55 -7.66 -14.08
N ALA A 265 -0.43 -6.96 -14.00
CA ALA A 265 0.61 -7.31 -13.04
C ALA A 265 0.35 -6.73 -11.66
N LEU A 266 -0.65 -5.84 -11.57
CA LEU A 266 -0.99 -5.20 -10.30
C LEU A 266 -2.33 -5.67 -9.75
N ALA A 267 -2.51 -6.99 -9.69
CA ALA A 267 -3.72 -7.56 -9.12
C ALA A 267 -3.61 -7.66 -7.60
N GLY A 268 -2.57 -8.35 -7.14
CA GLY A 268 -2.36 -8.57 -5.72
C GLY A 268 -1.71 -7.40 -5.01
N ALA A 269 -1.63 -6.26 -5.68
CA ALA A 269 -1.06 -5.06 -5.08
C ALA A 269 -2.13 -4.29 -4.31
N ILE A 270 -1.78 -3.84 -3.11
CA ILE A 270 -2.73 -3.11 -2.27
C ILE A 270 -2.81 -1.62 -2.63
N PRO A 271 -4.01 -1.15 -2.98
CA PRO A 271 -4.23 0.22 -3.43
C PRO A 271 -4.43 1.18 -2.27
N ALA A 272 -3.61 2.23 -2.20
CA ALA A 272 -3.74 3.23 -1.15
C ALA A 272 -4.31 4.52 -1.70
N THR A 273 -5.20 5.15 -0.93
CA THR A 273 -5.82 6.41 -1.33
C THR A 273 -4.81 7.54 -1.34
N VAL A 274 -4.59 8.12 -2.52
CA VAL A 274 -3.65 9.22 -2.66
C VAL A 274 -4.27 10.38 -3.41
N SER A 275 -4.35 11.54 -2.75
CA SER A 275 -4.88 12.74 -3.39
C SER A 275 -3.78 13.48 -4.15
N SER A 276 -4.04 14.74 -4.49
CA SER A 276 -3.06 15.54 -5.21
C SER A 276 -1.93 16.01 -4.30
N SER A 277 -2.17 15.98 -2.99
CA SER A 277 -1.16 16.38 -2.01
C SER A 277 -0.27 15.21 -1.61
N THR A 278 -0.46 14.08 -2.30
CA THR A 278 0.33 12.86 -2.08
C THR A 278 0.29 12.38 -0.63
N LEU A 279 -0.83 12.61 0.05
CA LEU A 279 -1.02 12.08 1.40
C LEU A 279 -1.54 10.64 1.31
N THR A 280 -0.80 9.71 1.90
CA THR A 280 -1.13 8.29 1.77
C THR A 280 -1.91 7.76 2.97
N LEU A 281 -3.20 7.50 2.77
CA LEU A 281 -4.03 6.89 3.78
C LEU A 281 -3.70 5.40 3.87
N GLN A 282 -3.29 4.94 5.05
CA GLN A 282 -2.79 3.58 5.19
C GLN A 282 -3.56 2.77 6.24
N SER A 283 -3.02 1.61 6.59
CA SER A 283 -3.67 0.72 7.55
C SER A 283 -2.70 0.18 8.60
N GLY A 284 -3.26 -0.41 9.65
CA GLY A 284 -2.51 -0.85 10.81
C GLY A 284 -3.15 -0.29 12.06
N HIS A 285 -2.44 -0.30 13.18
CA HIS A 285 -2.95 0.27 14.41
C HIS A 285 -1.87 1.00 15.21
N LEU A 286 -2.30 1.78 16.20
CA LEU A 286 -1.40 2.64 16.95
C LEU A 286 -1.44 2.31 18.44
N LYS A 287 -0.33 1.80 18.96
CA LYS A 287 -0.26 1.44 20.38
C LYS A 287 0.28 2.59 21.20
N CYS A 288 -0.55 3.11 22.09
CA CYS A 288 -0.18 4.26 22.91
C CYS A 288 -0.32 3.97 24.40
N ARG A 289 0.52 4.62 25.20
CA ARG A 289 0.44 4.52 26.65
C ARG A 289 0.33 5.91 27.27
N ALA A 290 -0.71 6.11 28.07
CA ALA A 290 -0.93 7.41 28.71
C ALA A 290 -0.34 7.42 30.12
N LYS A 291 0.43 8.46 30.41
CA LYS A 291 1.03 8.63 31.74
C LYS A 291 0.33 9.75 32.49
N LEU A 292 -0.21 9.43 33.66
CA LEU A 292 -0.89 10.42 34.48
C LEU A 292 -0.41 10.31 35.92
N ASP A 293 -0.81 11.26 36.76
CA ASP A 293 -0.55 11.16 38.19
C ASP A 293 -1.43 10.07 38.76
N LYS A 294 -1.18 9.67 40.00
CA LYS A 294 -1.95 8.62 40.65
C LYS A 294 -3.44 8.90 40.60
N VAL A 295 -4.18 8.06 39.87
CA VAL A 295 -5.62 8.23 39.73
C VAL A 295 -6.34 6.90 39.54
N LYS A 296 -7.42 6.70 40.29
CA LYS A 296 -8.22 5.49 40.17
C LYS A 296 -9.14 5.60 38.96
N ILE A 297 -9.26 4.50 38.21
CA ILE A 297 -10.05 4.51 36.97
C ILE A 297 -11.07 3.37 36.95
N LYS A 298 -12.30 3.70 36.56
CA LYS A 298 -13.34 2.69 36.41
C LYS A 298 -12.99 1.71 35.30
N GLY A 299 -12.89 0.43 35.65
CA GLY A 299 -12.57 -0.61 34.70
C GLY A 299 -13.79 -1.41 34.31
N THR A 300 -14.36 -1.10 33.15
CA THR A 300 -15.53 -1.81 32.65
C THR A 300 -15.15 -3.06 31.88
N THR A 301 -15.77 -4.18 32.24
CA THR A 301 -15.51 -5.45 31.57
C THR A 301 -16.72 -5.92 30.79
N TYR A 302 -16.51 -6.19 29.50
CA TYR A 302 -17.60 -6.61 28.62
C TYR A 302 -17.67 -8.12 28.48
N GLY A 303 -18.88 -8.63 28.28
CA GLY A 303 -19.11 -10.06 28.19
C GLY A 303 -18.93 -10.62 26.80
N CYS A 305 -20.50 -12.46 23.20
CA CYS A 305 -21.68 -12.47 22.34
C CYS A 305 -22.21 -13.89 22.16
N ASP A 306 -23.38 -14.15 22.72
CA ASP A 306 -23.98 -15.47 22.68
C ASP A 306 -24.88 -15.68 21.46
N SER A 307 -25.13 -14.59 20.72
CA SER A 307 -26.00 -14.67 19.55
C SER A 307 -25.24 -15.16 18.32
N ALA A 308 -25.80 -14.93 17.14
CA ALA A 308 -25.20 -15.39 15.89
C ALA A 308 -24.88 -14.24 14.94
N PHE A 309 -23.70 -14.30 14.34
CA PHE A 309 -23.27 -13.29 13.38
C PHE A 309 -23.55 -13.76 11.95
N THR A 310 -23.66 -12.80 11.03
CA THR A 310 -23.83 -13.12 9.62
C THR A 310 -22.92 -12.25 8.76
N PHE A 311 -22.39 -12.84 7.69
CA PHE A 311 -21.49 -12.13 6.79
C PHE A 311 -22.22 -11.03 6.04
N SER A 312 -21.79 -9.79 6.25
CA SER A 312 -22.37 -8.64 5.55
C SER A 312 -22.03 -8.72 4.07
N LYS A 313 -20.81 -9.14 3.78
CA LYS A 313 -20.35 -9.31 2.41
C LYS A 313 -19.22 -10.33 2.36
N ASN A 314 -18.67 -10.56 1.18
CA ASN A 314 -17.57 -11.49 1.01
C ASN A 314 -16.26 -10.92 1.53
N PRO A 315 -15.54 -11.68 2.37
CA PRO A 315 -14.27 -11.25 2.95
C PRO A 315 -13.23 -10.93 1.87
N THR A 316 -12.70 -9.71 1.89
CA THR A 316 -11.71 -9.29 0.90
C THR A 316 -10.30 -9.71 1.30
N ASP A 317 -9.31 -9.10 0.68
CA ASP A 317 -7.91 -9.43 0.96
C ASP A 317 -6.98 -8.28 0.61
N THR A 318 -6.10 -7.93 1.54
CA THR A 318 -5.13 -6.88 1.31
C THR A 318 -3.79 -7.44 0.83
N GLY A 319 -2.87 -6.56 0.48
CA GLY A 319 -1.59 -6.96 -0.08
C GLY A 319 -0.57 -7.41 0.93
N HIS A 320 -0.96 -7.49 2.20
CA HIS A 320 -0.06 -7.93 3.25
C HIS A 320 -0.54 -9.19 3.96
N GLY A 321 -1.25 -10.04 3.23
CA GLY A 321 -1.67 -11.34 3.73
C GLY A 321 -2.62 -11.31 4.91
N THR A 322 -3.50 -10.31 4.94
CA THR A 322 -4.52 -10.24 5.97
C THR A 322 -5.91 -10.22 5.33
N VAL A 323 -6.92 -10.61 6.11
CA VAL A 323 -8.28 -10.70 5.59
C VAL A 323 -9.23 -9.74 6.29
N ILE A 324 -9.86 -8.87 5.51
CA ILE A 324 -10.88 -7.96 6.04
C ILE A 324 -12.25 -8.62 5.94
N VAL A 325 -12.94 -8.71 7.07
CA VAL A 325 -14.26 -9.30 7.12
C VAL A 325 -15.27 -8.39 7.81
N GLU A 326 -16.36 -8.09 7.09
CA GLU A 326 -17.41 -7.23 7.63
C GLU A 326 -18.59 -8.06 8.13
N LEU A 327 -18.88 -7.96 9.42
CA LEU A 327 -19.94 -8.74 10.04
C LEU A 327 -21.12 -7.85 10.43
N GLN A 328 -22.25 -8.49 10.76
CA GLN A 328 -23.40 -7.79 11.29
C GLN A 328 -24.07 -8.61 12.41
N TYR A 329 -24.18 -8.00 13.59
CA TYR A 329 -24.66 -8.70 14.77
C TYR A 329 -26.18 -8.63 14.91
N THR A 330 -26.80 -9.80 15.03
CA THR A 330 -28.25 -9.88 15.17
C THR A 330 -28.64 -10.12 16.63
N GLY A 331 -28.47 -9.10 17.46
CA GLY A 331 -28.80 -9.19 18.86
C GLY A 331 -28.78 -7.84 19.56
N SER A 332 -29.05 -7.85 20.86
CA SER A 332 -29.09 -6.62 21.64
C SER A 332 -28.26 -6.73 22.90
N ASN A 333 -27.32 -7.67 22.92
CA ASN A 333 -26.47 -7.88 24.08
C ASN A 333 -25.32 -6.88 24.13
N GLY A 334 -25.32 -5.94 23.19
CA GLY A 334 -24.27 -4.94 23.10
C GLY A 334 -24.22 -4.04 24.32
N PRO A 335 -23.02 -3.56 24.67
CA PRO A 335 -21.77 -3.85 23.95
C PRO A 335 -21.10 -5.14 24.41
N CYS A 336 -20.74 -5.98 23.45
CA CYS A 336 -20.12 -7.27 23.75
C CYS A 336 -18.89 -7.50 22.88
N ARG A 337 -18.19 -8.61 23.12
CA ARG A 337 -16.99 -8.94 22.36
C ARG A 337 -17.25 -10.04 21.34
N VAL A 338 -16.84 -9.79 20.10
CA VAL A 338 -17.03 -10.75 19.02
C VAL A 338 -16.08 -11.94 19.17
N PRO A 339 -16.64 -13.16 19.16
CA PRO A 339 -15.85 -14.39 19.30
C PRO A 339 -15.41 -14.93 17.94
N ILE A 340 -14.53 -14.20 17.26
CA ILE A 340 -14.05 -14.61 15.95
C ILE A 340 -12.67 -15.25 16.02
N SER A 341 -12.54 -16.43 15.42
CA SER A 341 -11.26 -17.15 15.43
C SER A 341 -11.06 -17.93 14.14
N VAL A 342 -9.81 -18.07 13.72
CA VAL A 342 -9.48 -18.83 12.52
C VAL A 342 -8.97 -20.22 12.88
N THR A 343 -9.79 -21.23 12.61
CA THR A 343 -9.45 -22.61 12.95
C THR A 343 -8.99 -23.39 11.73
N ALA A 344 -8.50 -24.61 11.96
CA ALA A 344 -8.01 -25.45 10.87
C ALA A 344 -9.16 -26.23 10.21
N ASN A 345 -9.92 -26.93 11.04
CA ASN A 345 -11.05 -27.72 10.55
C ASN A 345 -12.30 -27.44 11.38
N LEU A 346 -13.44 -27.97 10.97
CA LEU A 346 -14.70 -27.77 11.68
C LEU A 346 -14.78 -28.64 12.93
N ASP A 348 -12.11 -28.86 14.95
CA ASP A 348 -11.11 -28.29 15.83
C ASP A 348 -11.42 -26.83 16.13
N LEU A 349 -11.40 -26.47 17.41
CA LEU A 349 -11.57 -25.08 17.82
C LEU A 349 -10.21 -24.45 18.10
N THR A 350 -9.16 -25.10 17.60
CA THR A 350 -7.80 -24.66 17.83
C THR A 350 -7.50 -23.34 17.11
N PRO A 351 -7.07 -22.33 17.86
CA PRO A 351 -6.70 -21.03 17.28
C PRO A 351 -5.42 -21.12 16.46
N VAL A 352 -5.52 -21.62 15.23
CA VAL A 352 -4.37 -21.72 14.34
C VAL A 352 -4.18 -20.42 13.57
N GLY A 353 -5.12 -19.49 13.73
CA GLY A 353 -5.03 -18.19 13.10
C GLY A 353 -4.79 -17.10 14.11
N ARG A 354 -4.72 -15.86 13.65
CA ARG A 354 -4.47 -14.73 14.53
C ARG A 354 -5.36 -13.54 14.18
N LEU A 355 -5.54 -12.63 15.14
CA LEU A 355 -6.38 -11.46 14.93
C LEU A 355 -5.54 -10.18 14.90
N VAL A 356 -5.58 -9.48 13.76
CA VAL A 356 -4.87 -8.21 13.63
C VAL A 356 -5.59 -7.14 14.44
N THR A 357 -6.92 -7.15 14.38
CA THR A 357 -7.73 -6.25 15.19
C THR A 357 -7.70 -6.73 16.64
N VAL A 358 -7.06 -5.95 17.50
CA VAL A 358 -6.86 -6.32 18.89
C VAL A 358 -8.18 -6.43 19.65
N ASN A 359 -8.97 -5.36 19.59
CA ASN A 359 -10.24 -5.33 20.30
C ASN A 359 -11.44 -5.27 19.34
N PRO A 360 -12.05 -6.44 19.07
CA PRO A 360 -13.20 -6.54 18.17
C PRO A 360 -14.53 -6.43 18.91
N PHE A 361 -14.77 -5.29 19.51
CA PHE A 361 -16.01 -5.07 20.26
C PHE A 361 -17.07 -4.39 19.39
N ILE A 362 -18.31 -4.49 19.82
CA ILE A 362 -19.42 -3.80 19.15
C ILE A 362 -19.75 -2.55 19.96
N SER A 363 -19.97 -1.43 19.26
CA SER A 363 -20.23 -0.15 19.91
C SER A 363 -21.47 -0.19 20.82
N THR A 364 -22.65 -0.10 20.21
CA THR A 364 -23.89 -0.17 20.97
C THR A 364 -24.55 -1.53 20.77
N GLY A 365 -25.77 -1.67 21.29
CA GLY A 365 -26.52 -2.91 21.14
C GLY A 365 -27.81 -2.68 20.37
N GLY A 366 -27.92 -1.51 19.76
CA GLY A 366 -29.13 -1.12 19.06
C GLY A 366 -29.38 -1.89 17.78
N ALA A 367 -30.28 -2.88 17.86
CA ALA A 367 -30.72 -3.66 16.71
C ALA A 367 -29.58 -4.32 15.94
N ASN A 368 -29.53 -4.08 14.63
CA ASN A 368 -28.53 -4.68 13.77
C ASN A 368 -27.38 -3.72 13.43
N ASN A 369 -26.23 -3.94 14.06
CA ASN A 369 -25.05 -3.13 13.79
C ASN A 369 -23.99 -3.90 13.02
N LYS A 370 -22.98 -3.19 12.52
CA LYS A 370 -21.92 -3.81 11.73
C LYS A 370 -20.53 -3.49 12.26
N VAL A 371 -19.61 -4.44 12.13
CA VAL A 371 -18.24 -4.27 12.59
C VAL A 371 -17.23 -4.55 11.47
N ILE A 373 -13.67 -6.28 11.15
CA ILE A 373 -12.60 -7.08 11.74
C ILE A 373 -11.57 -7.51 10.69
N GLU A 374 -10.31 -7.53 11.08
CA GLU A 374 -9.22 -7.97 10.21
C GLU A 374 -8.38 -9.03 10.89
N VAL A 375 -8.17 -10.16 10.21
CA VAL A 375 -7.42 -11.26 10.78
C VAL A 375 -6.31 -11.79 9.87
N GLU A 376 -5.36 -12.51 10.45
CA GLU A 376 -4.29 -13.13 9.69
C GLU A 376 -4.38 -14.65 9.75
N PRO A 377 -4.92 -15.27 8.69
CA PRO A 377 -5.04 -16.73 8.60
C PRO A 377 -3.72 -17.36 8.17
N PRO A 378 -3.48 -18.61 8.59
CA PRO A 378 -2.26 -19.33 8.20
C PRO A 378 -2.28 -19.66 6.72
N PHE A 379 -1.11 -19.90 6.13
CA PHE A 379 -1.02 -20.24 4.71
C PHE A 379 -1.70 -21.57 4.43
N GLY A 380 -2.50 -21.61 3.36
CA GLY A 380 -3.22 -22.82 3.00
C GLY A 380 -4.69 -22.75 3.40
N ASP A 381 -5.30 -23.91 3.56
CA ASP A 381 -6.71 -23.98 3.92
C ASP A 381 -6.95 -23.62 5.38
N SER A 382 -7.93 -22.76 5.62
CA SER A 382 -8.28 -22.33 6.97
C SER A 382 -9.71 -21.81 7.03
N TYR A 383 -10.38 -22.04 8.15
CA TYR A 383 -11.76 -21.60 8.31
C TYR A 383 -11.87 -20.39 9.23
N ILE A 384 -12.58 -19.37 8.78
CA ILE A 384 -12.85 -18.20 9.60
C ILE A 384 -14.18 -18.37 10.32
N VAL A 385 -14.12 -18.70 11.60
CA VAL A 385 -15.32 -19.05 12.36
C VAL A 385 -15.69 -17.96 13.38
N VAL A 386 -16.96 -17.53 13.33
CA VAL A 386 -17.46 -16.57 14.30
C VAL A 386 -18.58 -17.18 15.15
N GLY A 387 -18.58 -16.84 16.44
CA GLY A 387 -19.56 -17.37 17.37
C GLY A 387 -19.36 -18.85 17.61
N ARG A 388 -20.18 -19.42 18.50
CA ARG A 388 -20.13 -20.85 18.76
C ARG A 388 -21.52 -21.44 18.87
N GLY A 389 -21.66 -22.52 19.64
CA GLY A 389 -22.94 -23.18 19.81
C GLY A 389 -23.45 -23.83 18.54
N THR A 390 -24.77 -23.91 18.42
CA THR A 390 -25.38 -24.54 17.25
C THR A 390 -25.46 -23.58 16.07
N THR A 391 -25.65 -22.29 16.37
CA THR A 391 -25.81 -21.28 15.32
C THR A 391 -24.54 -20.45 15.12
N GLN A 392 -23.55 -21.06 14.48
CA GLN A 392 -22.32 -20.36 14.10
C GLN A 392 -22.10 -20.52 12.61
N ILE A 393 -21.38 -19.58 12.01
CA ILE A 393 -21.06 -19.68 10.58
C ILE A 393 -19.56 -19.66 10.35
N ASN A 394 -19.13 -20.20 9.21
CA ASN A 394 -17.72 -20.26 8.87
C ASN A 394 -17.45 -19.89 7.42
N TYR A 395 -16.18 -19.88 7.03
CA TYR A 395 -15.79 -19.55 5.67
C TYR A 395 -14.46 -20.19 5.29
N HIS A 396 -14.48 -21.01 4.24
CA HIS A 396 -13.28 -21.65 3.74
C HIS A 396 -12.38 -20.65 3.04
N TRP A 397 -11.15 -20.50 3.53
CA TRP A 397 -10.21 -19.53 2.96
C TRP A 397 -8.87 -20.16 2.62
N HIS A 398 -8.41 -19.95 1.39
CA HIS A 398 -7.12 -20.44 0.96
C HIS A 398 -6.13 -19.30 0.70
N LYS A 399 -5.14 -19.18 1.57
CA LYS A 399 -4.14 -18.12 1.46
C LYS A 399 -2.96 -18.55 0.60
N GLU A 400 -2.59 -17.70 -0.36
CA GLU A 400 -1.48 -17.99 -1.26
C GLU A 400 -0.14 -17.65 -0.61
N GLY A 401 0.92 -18.32 -1.06
CA GLY A 401 2.26 -18.06 -0.57
C GLY A 401 2.83 -16.79 -1.14
N SER A 402 3.94 -16.32 -0.56
CA SER A 402 4.56 -15.08 -1.01
C SER A 402 5.22 -15.24 -2.37
N SER A 403 4.92 -14.33 -3.29
CA SER A 403 5.47 -14.37 -4.63
C SER A 403 5.44 -13.01 -5.31
N ILE A 404 6.21 -12.06 -4.77
CA ILE A 404 6.27 -10.66 -5.26
C ILE A 404 4.95 -10.09 -5.80
#